data_1MK2
#
_entry.id   1MK2
#
_cell.length_a   49.995
_cell.length_b   71.716
_cell.length_c   86.886
_cell.angle_alpha   90.00
_cell.angle_beta   90.00
_cell.angle_gamma   90.00
#
_symmetry.space_group_name_H-M   'P 21 21 2'
#
loop_
_entity.id
_entity.type
_entity.pdbx_description
1 polymer 'SMAD 3'
2 polymer 'Madh-interacting protein'
3 non-polymer 'ACETIC ACID'
#
loop_
_entity_poly.entity_id
_entity_poly.type
_entity_poly.pdbx_seq_one_letter_code
_entity_poly.pdbx_strand_id
1 'polypeptide(L)'
;DLQPVTYCEPAFWCSISYYELNQRVGETFHASQPSMTVDGFTDPSNSERFCLGLLSNVNRNAAVELTRRHIGRGVRLYYI
GGEVFAECLSDSAIFVQSPNCNQRYGWHPATVCKIPPGCNLKIFNNQEFAALLAQSVNQGFEAVYQLTRMCTIRMSFVKG
WGAEYRRQTVTSTPCWIELHLNGPLQWLDKVLTQMGSPSIRCSSVS
;
A
2 'polypeptide(L)' SPNPNNPAEYCSTIPPLQQAQASGALSSPPPTVMVPVG B
#
# COMPACT_ATOMS: atom_id res chain seq x y z
N ASP A 1 -8.86 9.08 31.71
CA ASP A 1 -8.61 7.61 31.67
C ASP A 1 -8.56 7.19 30.19
N LEU A 2 -9.71 7.20 29.52
CA LEU A 2 -9.77 6.85 28.10
C LEU A 2 -9.89 8.13 27.28
N GLN A 3 -8.78 8.55 26.67
CA GLN A 3 -8.81 9.77 25.86
C GLN A 3 -8.87 9.38 24.39
N PRO A 4 -9.83 9.97 23.65
CA PRO A 4 -10.01 9.70 22.22
C PRO A 4 -8.92 10.19 21.28
N VAL A 5 -8.45 9.28 20.44
CA VAL A 5 -7.42 9.59 19.45
C VAL A 5 -8.04 9.39 18.08
N THR A 6 -8.11 10.48 17.33
CA THR A 6 -8.72 10.44 16.01
C THR A 6 -7.71 10.37 14.87
N TYR A 7 -8.11 9.72 13.79
CA TYR A 7 -7.25 9.61 12.61
C TYR A 7 -7.32 10.95 11.94
N CYS A 8 -6.16 11.38 11.44
CA CYS A 8 -6.10 12.65 10.74
C CYS A 8 -5.31 12.48 9.47
N GLU A 9 -6.02 12.75 8.37
CA GLU A 9 -5.52 12.69 7.01
C GLU A 9 -4.31 13.59 6.82
N PRO A 10 -3.15 13.01 6.49
CA PRO A 10 -1.93 13.80 6.29
C PRO A 10 -1.93 14.63 5.00
N ALA A 11 -0.98 15.55 4.89
CA ALA A 11 -0.87 16.38 3.70
C ALA A 11 -0.45 15.42 2.59
N PHE A 12 0.69 14.76 2.81
CA PHE A 12 1.21 13.76 1.88
C PHE A 12 0.80 12.43 2.53
N TRP A 13 -0.16 11.73 1.95
CA TRP A 13 -0.65 10.49 2.52
C TRP A 13 0.27 9.26 2.47
N CYS A 14 1.32 9.30 1.67
CA CYS A 14 2.23 8.15 1.58
C CYS A 14 3.47 8.55 0.83
N SER A 15 4.52 7.76 1.00
CA SER A 15 5.76 8.02 0.30
C SER A 15 6.11 6.72 -0.39
N ILE A 16 6.71 6.84 -1.57
CA ILE A 16 7.06 5.68 -2.35
C ILE A 16 8.53 5.57 -2.67
N SER A 17 9.06 4.37 -2.49
CA SER A 17 10.45 4.10 -2.77
C SER A 17 10.49 3.01 -3.83
N TYR A 18 11.35 3.21 -4.82
CA TYR A 18 11.50 2.28 -5.92
C TYR A 18 12.73 1.40 -5.72
N TYR A 19 12.66 0.16 -6.20
CA TYR A 19 13.77 -0.77 -6.06
C TYR A 19 13.91 -1.68 -7.28
N GLU A 20 15.14 -2.03 -7.56
CA GLU A 20 15.44 -2.97 -8.62
C GLU A 20 16.21 -4.02 -7.83
N LEU A 21 15.56 -5.16 -7.60
CA LEU A 21 16.14 -6.23 -6.79
C LEU A 21 16.42 -5.75 -5.37
N ASN A 22 17.67 -5.77 -4.92
CA ASN A 22 17.97 -5.33 -3.55
C ASN A 22 18.54 -3.91 -3.48
N GLN A 23 18.65 -3.29 -4.65
CA GLN A 23 19.19 -1.96 -4.78
C GLN A 23 18.06 -0.95 -4.78
N ARG A 24 18.12 0.06 -3.92
CA ARG A 24 17.08 1.06 -3.96
C ARG A 24 17.45 1.96 -5.12
N VAL A 25 16.45 2.41 -5.87
CA VAL A 25 16.71 3.25 -7.04
C VAL A 25 15.87 4.53 -7.03
N GLY A 26 16.51 5.65 -7.38
CA GLY A 26 15.81 6.92 -7.44
C GLY A 26 15.60 7.50 -6.06
N GLU A 27 14.90 8.64 -6.00
CA GLU A 27 14.63 9.28 -4.72
C GLU A 27 13.24 8.89 -4.24
N THR A 28 12.95 9.23 -2.99
CA THR A 28 11.65 8.92 -2.43
C THR A 28 10.58 9.85 -2.95
N PHE A 29 9.58 9.25 -3.61
CA PHE A 29 8.45 9.99 -4.14
C PHE A 29 7.36 10.15 -3.10
N HIS A 30 6.90 11.37 -2.89
CA HIS A 30 5.85 11.64 -1.89
C HIS A 30 4.49 11.94 -2.51
N ALA A 31 3.48 11.19 -2.08
CA ALA A 31 2.14 11.36 -2.61
C ALA A 31 1.42 12.48 -1.89
N SER A 32 0.98 13.46 -2.65
CA SER A 32 0.26 14.60 -2.11
C SER A 32 -1.18 14.52 -2.60
N GLN A 33 -1.38 14.08 -3.83
CA GLN A 33 -2.71 13.96 -4.38
C GLN A 33 -3.46 12.67 -4.19
N PRO A 34 -4.79 12.76 -4.33
CA PRO A 34 -5.72 11.65 -4.20
C PRO A 34 -5.56 10.51 -5.20
N SER A 35 -5.22 10.83 -6.44
CA SER A 35 -5.07 9.78 -7.43
C SER A 35 -3.89 10.02 -8.33
N MET A 36 -2.91 9.11 -8.30
CA MET A 36 -1.70 9.24 -9.09
C MET A 36 -1.30 7.88 -9.58
N THR A 37 -0.18 7.84 -10.28
CA THR A 37 0.32 6.57 -10.78
C THR A 37 1.82 6.49 -10.59
N VAL A 38 2.32 5.27 -10.69
CA VAL A 38 3.74 5.00 -10.63
C VAL A 38 3.89 4.19 -11.91
N ASP A 39 4.52 4.80 -12.90
CA ASP A 39 4.71 4.17 -14.19
C ASP A 39 6.19 4.10 -14.53
N GLY A 40 6.49 3.66 -15.74
CA GLY A 40 7.87 3.58 -16.13
C GLY A 40 8.14 4.54 -17.28
N PHE A 41 7.28 5.53 -17.43
CA PHE A 41 7.47 6.49 -18.50
C PHE A 41 8.68 7.35 -18.26
N THR A 42 9.31 7.70 -19.37
CA THR A 42 10.50 8.53 -19.38
C THR A 42 10.17 10.02 -19.35
N ASP A 43 9.18 10.37 -18.54
CA ASP A 43 8.77 11.75 -18.40
C ASP A 43 9.17 12.12 -16.99
N PRO A 44 9.37 13.42 -16.72
CA PRO A 44 9.75 13.88 -15.39
C PRO A 44 8.57 13.75 -14.42
N SER A 45 8.75 13.00 -13.35
CA SER A 45 7.69 12.81 -12.37
C SER A 45 7.17 14.13 -11.85
N ASN A 46 6.01 14.07 -11.19
CA ASN A 46 5.41 15.26 -10.60
C ASN A 46 4.45 14.84 -9.50
N SER A 47 3.84 15.82 -8.86
CA SER A 47 2.89 15.61 -7.78
C SER A 47 1.94 14.45 -8.04
N GLU A 48 1.55 14.29 -9.32
CA GLU A 48 0.59 13.27 -9.78
C GLU A 48 1.08 12.08 -10.56
N ARG A 49 2.38 11.93 -10.72
CA ARG A 49 2.88 10.83 -11.50
C ARG A 49 4.35 10.59 -11.22
N PHE A 50 4.63 9.40 -10.71
CA PHE A 50 5.96 8.96 -10.34
C PHE A 50 6.55 8.08 -11.43
N CYS A 51 7.13 8.71 -12.44
CA CYS A 51 7.72 8.00 -13.57
C CYS A 51 9.03 7.32 -13.19
N LEU A 52 9.28 6.17 -13.81
CA LEU A 52 10.48 5.44 -13.49
C LEU A 52 11.38 5.24 -14.69
N GLY A 53 10.88 5.61 -15.87
CA GLY A 53 11.66 5.47 -17.08
C GLY A 53 12.99 6.20 -17.01
N LEU A 54 13.01 7.30 -16.28
CA LEU A 54 14.19 8.14 -16.12
C LEU A 54 15.14 7.73 -14.99
N LEU A 55 14.78 6.71 -14.21
CA LEU A 55 15.65 6.30 -13.13
C LEU A 55 16.82 5.46 -13.59
N SER A 56 18.02 5.87 -13.22
CA SER A 56 19.18 5.10 -13.61
C SER A 56 19.71 4.31 -12.44
N ASN A 57 20.28 3.16 -12.74
CA ASN A 57 20.86 2.28 -11.74
C ASN A 57 22.09 1.73 -12.45
N VAL A 58 23.26 2.23 -12.05
CA VAL A 58 24.51 1.80 -12.68
C VAL A 58 24.70 0.29 -12.66
N ASN A 59 24.06 -0.39 -11.72
CA ASN A 59 24.21 -1.83 -11.63
C ASN A 59 23.07 -2.56 -12.30
N ARG A 60 22.16 -1.80 -12.90
CA ARG A 60 21.03 -2.39 -13.59
C ARG A 60 21.58 -3.43 -14.53
N ASN A 61 20.91 -4.58 -14.58
CA ASN A 61 21.32 -5.65 -15.47
C ASN A 61 20.24 -5.82 -16.55
N ALA A 62 20.48 -6.72 -17.49
CA ALA A 62 19.52 -6.93 -18.58
C ALA A 62 18.12 -7.26 -18.09
N ALA A 63 18.02 -8.17 -17.11
CA ALA A 63 16.72 -8.57 -16.59
C ALA A 63 15.93 -7.38 -16.07
N VAL A 64 16.56 -6.55 -15.25
CA VAL A 64 15.88 -5.39 -14.71
C VAL A 64 15.40 -4.48 -15.83
N GLU A 65 16.30 -3.99 -16.66
CA GLU A 65 15.85 -3.12 -17.73
C GLU A 65 14.75 -3.75 -18.58
N LEU A 66 14.93 -5.01 -18.98
CA LEU A 66 13.90 -5.68 -19.80
C LEU A 66 12.52 -5.59 -19.14
N THR A 67 12.45 -5.92 -17.86
CA THR A 67 11.20 -5.84 -17.10
C THR A 67 10.75 -4.38 -17.02
N ARG A 68 11.70 -3.47 -16.76
CA ARG A 68 11.40 -2.05 -16.65
C ARG A 68 10.65 -1.54 -17.85
N ARG A 69 10.76 -2.27 -18.95
CA ARG A 69 10.06 -1.89 -20.17
C ARG A 69 8.57 -2.20 -20.04
N HIS A 70 8.24 -3.18 -19.20
CA HIS A 70 6.85 -3.56 -19.08
C HIS A 70 6.04 -2.90 -18.02
N ILE A 71 6.64 -2.03 -17.21
CA ILE A 71 5.86 -1.37 -16.21
C ILE A 71 4.80 -0.65 -17.03
N GLY A 72 5.23 0.26 -17.90
CA GLY A 72 4.29 0.99 -18.73
C GLY A 72 3.47 1.99 -17.94
N ARG A 73 2.14 1.91 -18.09
CA ARG A 73 1.22 2.79 -17.37
C ARG A 73 1.38 2.59 -15.88
N GLY A 74 1.93 1.43 -15.51
CA GLY A 74 2.15 1.11 -14.11
C GLY A 74 0.91 0.79 -13.31
N VAL A 75 0.77 1.47 -12.18
CA VAL A 75 -0.35 1.27 -11.28
C VAL A 75 -0.93 2.61 -10.87
N ARG A 76 -2.25 2.74 -10.87
CA ARG A 76 -2.83 3.98 -10.40
C ARG A 76 -3.18 3.76 -8.94
N LEU A 77 -2.77 4.71 -8.11
CA LEU A 77 -3.01 4.66 -6.68
C LEU A 77 -4.05 5.70 -6.30
N TYR A 78 -4.98 5.32 -5.43
CA TYR A 78 -6.01 6.23 -4.99
C TYR A 78 -6.10 6.25 -3.47
N TYR A 79 -6.27 7.43 -2.91
CA TYR A 79 -6.46 7.55 -1.47
C TYR A 79 -7.80 8.26 -1.37
N ILE A 80 -8.65 7.78 -0.47
CA ILE A 80 -9.99 8.34 -0.29
C ILE A 80 -10.61 7.80 1.00
N GLY A 81 -11.04 8.70 1.86
CA GLY A 81 -11.63 8.29 3.12
C GLY A 81 -10.68 7.39 3.87
N GLY A 82 -9.39 7.60 3.66
CA GLY A 82 -8.37 6.78 4.30
C GLY A 82 -8.30 5.41 3.66
N GLU A 83 -9.05 5.20 2.58
CA GLU A 83 -9.05 3.93 1.86
C GLU A 83 -8.03 4.05 0.76
N VAL A 84 -7.32 2.95 0.48
CA VAL A 84 -6.29 2.99 -0.55
C VAL A 84 -6.43 1.86 -1.55
N PHE A 85 -6.61 2.24 -2.80
CA PHE A 85 -6.75 1.28 -3.88
C PHE A 85 -5.51 1.35 -4.74
N ALA A 86 -5.31 0.29 -5.52
CA ALA A 86 -4.19 0.20 -6.43
C ALA A 86 -4.77 -0.39 -7.70
N GLU A 87 -4.77 0.39 -8.78
CA GLU A 87 -5.31 -0.14 -10.01
C GLU A 87 -4.20 -0.43 -10.99
N CYS A 88 -4.14 -1.68 -11.40
CA CYS A 88 -3.13 -2.09 -12.36
C CYS A 88 -3.54 -1.55 -13.73
N LEU A 89 -2.87 -0.48 -14.18
CA LEU A 89 -3.17 0.11 -15.48
C LEU A 89 -2.33 -0.63 -16.48
N SER A 90 -1.15 -1.02 -16.02
CA SER A 90 -0.17 -1.77 -16.81
C SER A 90 -0.78 -2.95 -17.53
N ASP A 91 -0.06 -3.46 -18.52
CA ASP A 91 -0.52 -4.60 -19.29
C ASP A 91 0.07 -5.85 -18.65
N SER A 92 0.96 -5.63 -17.69
CA SER A 92 1.57 -6.74 -16.96
C SER A 92 0.99 -6.67 -15.55
N ALA A 93 0.59 -7.82 -15.00
CA ALA A 93 0.04 -7.83 -13.66
C ALA A 93 1.01 -7.21 -12.63
N ILE A 94 0.46 -6.82 -11.49
CA ILE A 94 1.27 -6.29 -10.41
C ILE A 94 0.97 -7.18 -9.21
N PHE A 95 1.89 -7.21 -8.25
CA PHE A 95 1.70 -8.04 -7.08
C PHE A 95 1.82 -7.24 -5.82
N VAL A 96 0.90 -7.48 -4.89
CA VAL A 96 0.91 -6.72 -3.65
C VAL A 96 1.04 -7.47 -2.36
N GLN A 97 1.87 -6.94 -1.48
CA GLN A 97 2.04 -7.54 -0.18
C GLN A 97 1.56 -6.47 0.81
N SER A 98 0.27 -6.56 1.12
CA SER A 98 -0.39 -5.66 2.06
C SER A 98 -0.83 -6.45 3.28
N PRO A 99 -0.29 -6.11 4.47
CA PRO A 99 -0.60 -6.76 5.75
C PRO A 99 -2.09 -6.62 6.04
N ASN A 100 -2.62 -5.44 5.71
CA ASN A 100 -4.04 -5.14 5.91
C ASN A 100 -4.90 -6.13 5.12
N CYS A 101 -4.57 -6.33 3.84
CA CYS A 101 -5.30 -7.27 3.00
C CYS A 101 -5.24 -8.67 3.60
N ASN A 102 -4.03 -9.13 3.87
CA ASN A 102 -3.81 -10.45 4.45
C ASN A 102 -4.60 -10.63 5.76
N GLN A 103 -4.82 -9.54 6.49
CA GLN A 103 -5.58 -9.51 7.75
C GLN A 103 -7.02 -9.95 7.45
N ARG A 104 -7.71 -9.19 6.62
CA ARG A 104 -9.03 -9.61 6.22
C ARG A 104 -8.72 -10.75 5.24
N TYR A 105 -9.70 -11.25 4.50
CA TYR A 105 -9.44 -12.34 3.56
C TYR A 105 -8.83 -13.57 4.26
N GLY A 106 -8.36 -13.39 5.49
CA GLY A 106 -7.77 -14.45 6.26
C GLY A 106 -6.58 -15.14 5.62
N TRP A 107 -5.89 -14.46 4.71
CA TRP A 107 -4.74 -15.09 4.06
C TRP A 107 -3.57 -15.23 5.01
N HIS A 108 -2.67 -16.16 4.67
CA HIS A 108 -1.47 -16.42 5.45
C HIS A 108 -0.67 -15.14 5.56
N PRO A 109 0.00 -14.91 6.69
CA PRO A 109 0.78 -13.68 6.83
C PRO A 109 1.97 -13.63 5.88
N ALA A 110 2.10 -12.49 5.21
CA ALA A 110 3.17 -12.16 4.27
C ALA A 110 2.80 -12.44 2.83
N THR A 111 1.61 -12.98 2.61
CA THR A 111 1.21 -13.31 1.26
C THR A 111 1.25 -12.14 0.29
N VAL A 112 1.43 -12.48 -0.97
CA VAL A 112 1.48 -11.50 -2.04
C VAL A 112 0.43 -11.92 -3.06
N CYS A 113 -0.51 -11.03 -3.34
CA CYS A 113 -1.55 -11.32 -4.30
C CYS A 113 -1.27 -10.61 -5.60
N LYS A 114 -1.94 -11.04 -6.64
CA LYS A 114 -1.77 -10.50 -7.98
C LYS A 114 -2.92 -9.58 -8.34
N ILE A 115 -2.60 -8.38 -8.81
CA ILE A 115 -3.66 -7.47 -9.24
C ILE A 115 -3.45 -7.43 -10.74
N PRO A 116 -4.18 -8.26 -11.49
CA PRO A 116 -4.01 -8.25 -12.94
C PRO A 116 -4.48 -6.95 -13.63
N PRO A 117 -4.10 -6.77 -14.90
CA PRO A 117 -4.51 -5.56 -15.62
C PRO A 117 -6.02 -5.34 -15.61
N GLY A 118 -6.44 -4.07 -15.63
CA GLY A 118 -7.85 -3.73 -15.63
C GLY A 118 -8.49 -3.88 -14.26
N CYS A 119 -7.76 -4.43 -13.30
CA CYS A 119 -8.32 -4.62 -11.98
C CYS A 119 -7.69 -3.68 -10.95
N ASN A 120 -8.36 -3.57 -9.80
CA ASN A 120 -7.89 -2.73 -8.72
C ASN A 120 -8.14 -3.48 -7.44
N LEU A 121 -7.57 -2.97 -6.36
CA LEU A 121 -7.73 -3.63 -5.08
C LEU A 121 -7.57 -2.62 -3.95
N LYS A 122 -8.45 -2.70 -2.97
CA LYS A 122 -8.34 -1.79 -1.84
C LYS A 122 -7.22 -2.37 -0.99
N ILE A 123 -6.01 -1.85 -1.17
CA ILE A 123 -4.86 -2.34 -0.43
C ILE A 123 -4.89 -1.91 1.04
N PHE A 124 -5.68 -0.88 1.35
CA PHE A 124 -5.77 -0.46 2.74
C PHE A 124 -7.15 0.01 3.15
N ASN A 125 -7.72 -0.65 4.14
CA ASN A 125 -9.04 -0.29 4.64
C ASN A 125 -8.78 0.42 5.96
N ASN A 126 -8.90 1.73 5.95
CA ASN A 126 -8.64 2.50 7.16
C ASN A 126 -9.57 2.11 8.31
N GLN A 127 -10.81 1.78 8.00
CA GLN A 127 -11.78 1.38 9.03
C GLN A 127 -11.26 0.11 9.67
N GLU A 128 -11.17 -0.94 8.87
CA GLU A 128 -10.67 -2.21 9.35
C GLU A 128 -9.44 -1.93 10.21
N PHE A 129 -8.66 -0.93 9.80
CA PHE A 129 -7.45 -0.56 10.53
C PHE A 129 -7.83 -0.03 11.91
N ALA A 130 -8.77 0.91 11.94
CA ALA A 130 -9.23 1.51 13.19
C ALA A 130 -9.71 0.41 14.13
N ALA A 131 -10.47 -0.53 13.57
CA ALA A 131 -11.00 -1.63 14.37
C ALA A 131 -9.88 -2.37 15.08
N LEU A 132 -8.80 -2.68 14.36
CA LEU A 132 -7.67 -3.37 14.96
C LEU A 132 -7.00 -2.44 15.96
N LEU A 133 -6.75 -1.20 15.51
CA LEU A 133 -6.14 -0.20 16.36
C LEU A 133 -6.94 -0.16 17.66
N ALA A 134 -8.25 -0.04 17.54
CA ALA A 134 -9.13 -0.02 18.70
C ALA A 134 -8.82 -1.22 19.57
N GLN A 135 -9.11 -2.41 19.04
CA GLN A 135 -8.86 -3.65 19.75
C GLN A 135 -7.46 -3.69 20.35
N SER A 136 -6.45 -3.43 19.52
CA SER A 136 -5.05 -3.43 19.94
C SER A 136 -4.77 -2.60 21.18
N VAL A 137 -5.20 -1.34 21.13
CA VAL A 137 -5.02 -0.43 22.25
C VAL A 137 -5.17 -1.20 23.57
N ASN A 138 -6.22 -2.00 23.66
CA ASN A 138 -6.53 -2.79 24.84
C ASN A 138 -5.69 -4.04 25.04
N GLN A 139 -4.48 -4.03 24.50
CA GLN A 139 -3.58 -5.16 24.64
C GLN A 139 -2.19 -4.63 24.89
N GLY A 140 -2.12 -3.32 25.15
CA GLY A 140 -0.86 -2.69 25.44
C GLY A 140 -0.10 -2.15 24.25
N PHE A 141 1.12 -1.71 24.53
CA PHE A 141 2.02 -1.13 23.53
C PHE A 141 2.40 -2.08 22.41
N GLU A 142 3.14 -3.13 22.73
CA GLU A 142 3.58 -4.09 21.72
C GLU A 142 2.48 -4.41 20.72
N ALA A 143 1.31 -4.80 21.24
CA ALA A 143 0.16 -5.14 20.41
C ALA A 143 -0.04 -4.07 19.35
N VAL A 144 -0.03 -2.82 19.78
CA VAL A 144 -0.20 -1.69 18.89
C VAL A 144 1.01 -1.45 17.98
N TYR A 145 2.20 -1.38 18.56
CA TYR A 145 3.38 -1.15 17.74
C TYR A 145 3.45 -2.17 16.60
N GLN A 146 2.71 -3.25 16.75
CA GLN A 146 2.68 -4.30 15.75
C GLN A 146 1.98 -3.85 14.47
N LEU A 147 1.00 -2.98 14.61
CA LEU A 147 0.26 -2.50 13.44
C LEU A 147 1.06 -1.59 12.52
N THR A 148 2.24 -1.17 12.96
CA THR A 148 3.08 -0.31 12.15
C THR A 148 3.40 -1.05 10.86
N ARG A 149 3.56 -2.37 10.96
CA ARG A 149 3.89 -3.23 9.83
C ARG A 149 2.83 -3.12 8.74
N MET A 150 1.60 -2.79 9.14
CA MET A 150 0.50 -2.66 8.22
C MET A 150 0.52 -1.39 7.38
N CYS A 151 1.27 -0.40 7.84
CA CYS A 151 1.35 0.87 7.12
C CYS A 151 2.39 0.83 6.02
N THR A 152 3.01 -0.33 5.83
CA THR A 152 4.00 -0.52 4.79
C THR A 152 3.51 -1.56 3.82
N ILE A 153 3.40 -1.17 2.56
CA ILE A 153 2.94 -2.09 1.54
C ILE A 153 3.96 -2.14 0.43
N ARG A 154 4.22 -3.34 -0.07
CA ARG A 154 5.18 -3.51 -1.14
C ARG A 154 4.47 -4.07 -2.37
N MET A 155 4.96 -3.64 -3.53
CA MET A 155 4.39 -4.04 -4.81
C MET A 155 5.48 -4.16 -5.87
N SER A 156 5.35 -5.19 -6.72
CA SER A 156 6.31 -5.39 -7.79
C SER A 156 5.59 -5.48 -9.12
N PHE A 157 6.14 -4.81 -10.13
CA PHE A 157 5.55 -4.83 -11.46
C PHE A 157 5.98 -6.08 -12.23
N VAL A 158 5.08 -6.54 -13.08
CA VAL A 158 5.30 -7.68 -13.95
C VAL A 158 5.56 -9.02 -13.27
N LYS A 159 6.61 -9.09 -12.46
CA LYS A 159 6.97 -10.33 -11.78
C LYS A 159 6.58 -10.30 -10.30
N GLY A 160 6.07 -11.42 -9.79
CA GLY A 160 5.68 -11.51 -8.39
C GLY A 160 6.62 -12.37 -7.57
N TRP A 161 6.42 -12.36 -6.25
CA TRP A 161 7.25 -13.14 -5.34
C TRP A 161 6.39 -13.77 -4.26
N GLY A 162 7.04 -14.45 -3.32
CA GLY A 162 6.33 -15.10 -2.23
C GLY A 162 6.48 -16.61 -2.21
N ALA A 163 5.83 -17.26 -1.25
CA ALA A 163 5.89 -18.70 -1.20
C ALA A 163 5.16 -19.16 -2.46
N GLU A 164 5.35 -20.43 -2.83
CA GLU A 164 4.75 -21.00 -4.04
C GLU A 164 5.45 -20.33 -5.21
N TYR A 165 6.37 -19.43 -4.86
CA TYR A 165 7.12 -18.67 -5.85
C TYR A 165 8.56 -19.04 -6.06
N ARG A 166 9.02 -18.66 -7.22
CA ARG A 166 10.35 -18.89 -7.69
C ARG A 166 11.16 -17.87 -6.90
N ARG A 167 10.74 -16.62 -6.95
CA ARG A 167 11.39 -15.55 -6.20
C ARG A 167 10.76 -15.58 -4.83
N GLN A 168 11.54 -15.88 -3.81
CA GLN A 168 10.99 -15.95 -2.47
C GLN A 168 10.85 -14.62 -1.77
N THR A 169 11.73 -13.67 -2.06
CA THR A 169 11.66 -12.39 -1.39
C THR A 169 11.49 -11.21 -2.35
N VAL A 170 10.94 -10.10 -1.84
CA VAL A 170 10.71 -8.89 -2.64
C VAL A 170 12.03 -8.41 -3.21
N THR A 171 13.07 -8.70 -2.46
CA THR A 171 14.40 -8.29 -2.81
C THR A 171 14.94 -9.01 -4.05
N SER A 172 14.25 -10.08 -4.47
CA SER A 172 14.66 -10.84 -5.67
C SER A 172 13.80 -10.50 -6.88
N THR A 173 12.99 -9.46 -6.77
CA THR A 173 12.12 -9.07 -7.85
C THR A 173 12.73 -7.88 -8.64
N PRO A 174 12.64 -7.94 -9.98
CA PRO A 174 13.17 -6.93 -10.91
C PRO A 174 12.82 -5.48 -10.60
N CYS A 175 11.53 -5.22 -10.42
CA CYS A 175 11.05 -3.86 -10.18
C CYS A 175 9.94 -3.76 -9.15
N TRP A 176 10.26 -3.21 -7.98
CA TRP A 176 9.23 -3.06 -6.97
C TRP A 176 9.26 -1.72 -6.27
N ILE A 177 8.26 -1.50 -5.42
CA ILE A 177 8.15 -0.28 -4.66
C ILE A 177 7.58 -0.55 -3.27
N GLU A 178 7.81 0.39 -2.38
CA GLU A 178 7.30 0.27 -1.03
C GLU A 178 6.65 1.60 -0.70
N LEU A 179 5.43 1.55 -0.19
CA LEU A 179 4.74 2.76 0.19
C LEU A 179 4.65 2.79 1.68
N HIS A 180 4.37 3.97 2.21
CA HIS A 180 4.21 4.10 3.63
C HIS A 180 3.01 4.98 3.84
N LEU A 181 1.98 4.39 4.42
CA LEU A 181 0.74 5.11 4.71
C LEU A 181 0.97 5.99 5.93
N ASN A 182 1.20 7.27 5.67
CA ASN A 182 1.47 8.23 6.72
C ASN A 182 0.24 8.43 7.59
N GLY A 183 -0.93 8.47 6.95
CA GLY A 183 -2.16 8.63 7.71
C GLY A 183 -2.14 7.70 8.90
N PRO A 184 -2.12 6.37 8.65
CA PRO A 184 -2.11 5.33 9.69
C PRO A 184 -0.95 5.46 10.68
N LEU A 185 0.25 5.69 10.14
CA LEU A 185 1.45 5.83 10.96
C LEU A 185 1.35 6.99 11.92
N GLN A 186 0.93 8.15 11.43
CA GLN A 186 0.76 9.28 12.31
C GLN A 186 -0.22 8.83 13.39
N TRP A 187 -1.40 8.41 12.95
CA TRP A 187 -2.43 7.95 13.87
C TRP A 187 -1.90 6.90 14.85
N LEU A 188 -1.00 6.04 14.39
CA LEU A 188 -0.43 5.02 15.26
C LEU A 188 0.51 5.67 16.25
N ASP A 189 1.20 6.71 15.82
CA ASP A 189 2.09 7.41 16.72
C ASP A 189 1.25 8.01 17.79
N LYS A 190 0.45 9.00 17.40
CA LYS A 190 -0.44 9.67 18.33
C LYS A 190 -0.94 8.71 19.40
N VAL A 191 -1.46 7.57 18.96
CA VAL A 191 -1.99 6.58 19.90
C VAL A 191 -0.96 6.17 20.94
N LEU A 192 0.21 5.71 20.49
CA LEU A 192 1.26 5.28 21.41
C LEU A 192 1.61 6.42 22.36
N THR A 193 1.61 7.63 21.83
CA THR A 193 1.90 8.80 22.63
C THR A 193 0.91 8.78 23.78
N GLN A 194 -0.38 8.93 23.48
CA GLN A 194 -1.42 8.94 24.50
C GLN A 194 -1.24 7.78 25.48
N MET A 195 -0.73 6.65 24.98
CA MET A 195 -0.48 5.49 25.82
C MET A 195 0.84 5.73 26.55
N GLY A 196 1.69 6.53 25.91
CA GLY A 196 2.98 6.87 26.48
C GLY A 196 2.96 8.33 26.92
N SER A 197 2.32 8.58 28.06
CA SER A 197 2.23 9.92 28.62
C SER A 197 2.95 9.88 29.96
N SER B 1 -13.72 -16.16 3.34
CA SER B 1 -12.42 -15.63 2.82
C SER B 1 -12.13 -16.11 1.41
N PRO B 2 -11.57 -15.23 0.55
CA PRO B 2 -11.24 -15.58 -0.84
C PRO B 2 -9.86 -16.20 -0.99
N ASN B 3 -9.68 -17.00 -2.04
CA ASN B 3 -8.41 -17.65 -2.30
C ASN B 3 -7.48 -16.56 -2.80
N PRO B 4 -6.29 -16.42 -2.19
CA PRO B 4 -5.32 -15.42 -2.59
C PRO B 4 -4.80 -15.66 -4.01
N ASN B 5 -5.09 -16.84 -4.55
CA ASN B 5 -4.65 -17.19 -5.89
C ASN B 5 -5.65 -16.81 -6.95
N ASN B 6 -6.81 -16.31 -6.55
CA ASN B 6 -7.84 -15.92 -7.52
C ASN B 6 -8.21 -14.48 -7.30
N PRO B 7 -7.54 -13.57 -8.02
CA PRO B 7 -7.81 -12.15 -7.88
C PRO B 7 -9.31 -11.91 -7.99
N ALA B 8 -9.92 -12.65 -8.90
CA ALA B 8 -11.35 -12.56 -9.16
C ALA B 8 -12.20 -12.64 -7.90
N GLU B 9 -11.64 -13.29 -6.90
CA GLU B 9 -12.32 -13.46 -5.63
C GLU B 9 -12.04 -12.30 -4.69
N TYR B 10 -11.21 -11.36 -5.11
CA TYR B 10 -10.90 -10.22 -4.24
C TYR B 10 -10.63 -8.88 -4.91
N CYS B 11 -10.52 -8.86 -6.23
CA CYS B 11 -10.25 -7.63 -6.94
C CYS B 11 -11.52 -7.06 -7.51
N SER B 12 -11.37 -6.01 -8.31
CA SER B 12 -12.52 -5.37 -8.90
C SER B 12 -12.20 -4.53 -10.12
N THR B 13 -13.16 -4.47 -11.03
CA THR B 13 -13.06 -3.70 -12.26
C THR B 13 -13.93 -2.44 -12.09
N ILE B 14 -14.53 -2.32 -10.90
CA ILE B 14 -15.34 -1.15 -10.57
C ILE B 14 -14.39 -0.03 -10.21
N PRO B 15 -14.55 1.14 -10.84
CA PRO B 15 -13.66 2.28 -10.54
C PRO B 15 -13.60 2.44 -9.02
N PRO B 16 -12.38 2.63 -8.47
CA PRO B 16 -12.17 2.80 -7.03
C PRO B 16 -13.07 3.85 -6.43
N LEU B 17 -13.14 4.97 -7.13
CA LEU B 17 -13.96 6.11 -6.74
C LEU B 17 -15.41 5.63 -6.58
N GLN B 18 -15.95 5.04 -7.65
CA GLN B 18 -17.31 4.51 -7.66
C GLN B 18 -17.56 3.56 -6.50
N GLN B 19 -16.51 2.93 -5.99
CA GLN B 19 -16.63 1.99 -4.88
C GLN B 19 -16.73 2.74 -3.56
N ALA B 20 -15.79 3.64 -3.33
CA ALA B 20 -15.75 4.43 -2.10
C ALA B 20 -17.07 5.18 -1.83
N GLN B 21 -17.89 5.30 -2.87
CA GLN B 21 -19.17 5.97 -2.74
C GLN B 21 -20.14 5.04 -2.04
N ALA B 22 -20.51 3.98 -2.75
CA ALA B 22 -21.44 2.98 -2.23
C ALA B 22 -20.89 2.25 -1.01
N SER B 23 -20.29 3.00 -0.10
CA SER B 23 -19.74 2.42 1.12
C SER B 23 -19.58 3.56 2.12
N GLY B 24 -19.93 4.76 1.66
CA GLY B 24 -19.83 5.95 2.49
C GLY B 24 -18.47 6.17 3.10
N ALA B 25 -17.44 6.21 2.28
CA ALA B 25 -16.08 6.41 2.76
C ALA B 25 -15.68 7.88 2.70
N LEU B 26 -16.33 8.61 1.79
CA LEU B 26 -16.06 10.03 1.62
C LEU B 26 -16.84 10.83 2.66
N SER B 27 -18.14 10.56 2.72
CA SER B 27 -19.02 11.23 3.68
C SER B 27 -18.56 10.89 5.09
N SER B 28 -17.78 9.83 5.21
CA SER B 28 -17.27 9.35 6.50
C SER B 28 -16.14 10.17 7.10
N PRO B 29 -16.41 10.81 8.25
CA PRO B 29 -15.37 11.61 8.89
C PRO B 29 -14.29 10.64 9.42
N PRO B 30 -13.09 11.16 9.73
CA PRO B 30 -12.02 10.31 10.24
C PRO B 30 -12.40 9.60 11.53
N PRO B 31 -12.03 8.31 11.66
CA PRO B 31 -12.31 7.49 12.83
C PRO B 31 -11.54 7.87 14.10
N THR B 32 -12.03 7.38 15.23
CA THR B 32 -11.41 7.66 16.50
C THR B 32 -11.38 6.41 17.34
N VAL B 33 -10.36 6.30 18.20
CA VAL B 33 -10.21 5.16 19.09
C VAL B 33 -9.87 5.75 20.46
N MET B 34 -10.44 5.17 21.50
CA MET B 34 -10.19 5.63 22.87
C MET B 34 -9.01 4.84 23.37
N VAL B 35 -8.01 5.54 23.87
CA VAL B 35 -6.84 4.84 24.36
C VAL B 35 -6.54 5.21 25.81
N PRO B 36 -6.44 4.20 26.67
CA PRO B 36 -6.14 4.44 28.08
C PRO B 36 -4.78 5.09 28.17
N VAL B 37 -4.72 6.27 28.79
CA VAL B 37 -3.46 6.99 28.93
C VAL B 37 -2.55 6.38 30.02
N GLY B 38 -1.85 5.34 29.58
CA GLY B 38 -0.94 4.56 30.39
C GLY B 38 -0.39 3.55 29.39
#